data_5GNF
#
_entry.id   5GNF
#
_cell.length_a   84.944
_cell.length_b   84.944
_cell.length_c   63.155
_cell.angle_alpha   90.00
_cell.angle_beta   90.00
_cell.angle_gamma   120.00
#
_symmetry.space_group_name_H-M   'P 65'
#
loop_
_entity.id
_entity.type
_entity.pdbx_description
1 polymer 'Uncharacterized protein AcrF3'
2 non-polymer 'CALCIUM ION'
3 water water
#
_entity_poly.entity_id   1
_entity_poly.type   'polypeptide(L)'
_entity_poly.pdbx_seq_one_letter_code
;SMSNTISDRIVARSVIEAARFIQSWEDADPDSLTEDQVLAAAGFAARLHEGLQATVLQRLVDESNHEEYREFKAWEEALL
NADGRVASSPFADWGWWYRIANVMLATASQNVGVTWGSRVHGRLMAIFQDKFKQRYEEQA
;
_entity_poly.pdbx_strand_id   A,B
#
# COMPACT_ATOMS: atom_id res chain seq x y z
N SER A 1 12.25 12.88 9.78
CA SER A 1 11.06 12.73 8.95
C SER A 1 10.15 11.68 9.57
N MET A 2 8.88 11.68 9.16
CA MET A 2 7.93 10.70 9.65
C MET A 2 7.49 9.74 8.55
N SER A 3 8.35 9.51 7.55
CA SER A 3 7.97 8.72 6.38
C SER A 3 8.88 7.52 6.16
N ASN A 4 8.32 6.52 5.50
CA ASN A 4 9.05 5.34 5.01
C ASN A 4 8.52 5.09 3.61
N THR A 5 9.02 5.86 2.63
CA THR A 5 8.37 5.88 1.33
C THR A 5 8.62 4.59 0.54
N ILE A 6 9.78 3.95 0.71
CA ILE A 6 10.03 2.73 -0.05
C ILE A 6 9.12 1.61 0.41
N SER A 7 8.97 1.45 1.73
CA SER A 7 8.05 0.43 2.24
C SER A 7 6.62 0.71 1.78
N ASP A 8 6.18 1.98 1.87
CA ASP A 8 4.81 2.30 1.46
C ASP A 8 4.59 1.95 0.00
N ARG A 9 5.57 2.26 -0.87
CA ARG A 9 5.39 1.99 -2.29
C ARG A 9 5.25 0.49 -2.55
N ILE A 10 6.07 -0.32 -1.87
CA ILE A 10 6.01 -1.76 -2.10
C ILE A 10 4.76 -2.37 -1.48
N VAL A 11 4.42 -1.98 -0.25
CA VAL A 11 3.19 -2.51 0.35
C VAL A 11 1.97 -2.11 -0.46
N ALA A 12 1.98 -0.88 -1.01
CA ALA A 12 0.82 -0.41 -1.78
C ALA A 12 0.64 -1.15 -3.10
N ARG A 13 1.68 -1.84 -3.59
CA ARG A 13 1.55 -2.74 -4.73
C ARG A 13 1.44 -4.19 -4.30
N SER A 14 1.16 -4.45 -3.02
CA SER A 14 1.05 -5.80 -2.49
C SER A 14 -0.21 -5.95 -1.64
N VAL A 15 -1.28 -5.22 -1.94
CA VAL A 15 -2.36 -5.10 -0.96
C VAL A 15 -3.13 -6.42 -0.79
N ILE A 16 -3.28 -7.21 -1.85
CA ILE A 16 -4.03 -8.46 -1.72
C ILE A 16 -3.29 -9.43 -0.81
N GLU A 17 -2.00 -9.57 -1.04
CA GLU A 17 -1.18 -10.44 -0.21
C GLU A 17 -1.06 -9.90 1.20
N ALA A 18 -0.96 -8.57 1.34
CA ALA A 18 -0.86 -7.97 2.66
C ALA A 18 -2.12 -8.21 3.48
N ALA A 19 -3.28 -8.00 2.87
CA ALA A 19 -4.54 -8.20 3.60
C ALA A 19 -4.71 -9.66 3.98
N ARG A 20 -4.38 -10.57 3.06
CA ARG A 20 -4.48 -12.00 3.35
C ARG A 20 -3.60 -12.38 4.54
N PHE A 21 -2.38 -11.84 4.60
CA PHE A 21 -1.48 -12.13 5.72
C PHE A 21 -2.02 -11.61 7.04
N ILE A 22 -2.42 -10.33 7.08
CA ILE A 22 -2.92 -9.73 8.33
C ILE A 22 -4.13 -10.50 8.83
N GLN A 23 -5.08 -10.76 7.93
CA GLN A 23 -6.31 -11.43 8.35
C GLN A 23 -6.06 -12.87 8.78
N SER A 24 -5.13 -13.56 8.11
CA SER A 24 -4.80 -14.94 8.47
C SER A 24 -4.11 -15.02 9.83
N TRP A 25 -3.24 -14.07 10.15
CA TRP A 25 -2.42 -14.12 11.35
C TRP A 25 -3.04 -13.39 12.54
N GLU A 26 -4.29 -12.95 12.43
CA GLU A 26 -4.92 -12.10 13.44
C GLU A 26 -4.74 -12.65 14.85
N ASP A 27 -5.19 -13.88 15.09
CA ASP A 27 -5.01 -14.53 16.38
C ASP A 27 -4.08 -15.74 16.28
N ALA A 28 -3.14 -15.70 15.35
CA ALA A 28 -2.29 -16.85 15.08
C ALA A 28 -1.42 -17.18 16.27
N ASP A 29 -1.21 -18.48 16.51
CA ASP A 29 -0.22 -18.95 17.45
C ASP A 29 1.02 -19.31 16.65
N PRO A 30 2.10 -18.52 16.72
CA PRO A 30 3.28 -18.84 15.91
C PRO A 30 3.88 -20.19 16.23
N ASP A 31 3.60 -20.74 17.41
CA ASP A 31 4.08 -22.07 17.77
C ASP A 31 3.27 -23.19 17.16
N SER A 32 2.09 -22.90 16.60
CA SER A 32 1.24 -23.92 15.99
C SER A 32 0.48 -23.28 14.82
N LEU A 33 1.23 -22.95 13.77
CA LEU A 33 0.63 -22.32 12.61
C LEU A 33 -0.10 -23.35 11.76
N THR A 34 -1.19 -22.90 11.14
CA THR A 34 -1.84 -23.71 10.12
C THR A 34 -1.10 -23.59 8.79
N GLU A 35 -1.35 -24.56 7.90
CA GLU A 35 -0.79 -24.48 6.56
C GLU A 35 -1.18 -23.17 5.88
N ASP A 36 -2.41 -22.72 6.11
CA ASP A 36 -2.90 -21.51 5.45
C ASP A 36 -2.20 -20.27 6.01
N GLN A 37 -1.89 -20.26 7.30
CA GLN A 37 -1.11 -19.15 7.85
C GLN A 37 0.32 -19.14 7.30
N VAL A 38 0.92 -20.31 7.14
CA VAL A 38 2.25 -20.39 6.53
C VAL A 38 2.19 -19.82 5.11
N LEU A 39 1.21 -20.27 4.33
CA LEU A 39 1.10 -19.86 2.93
C LEU A 39 0.84 -18.36 2.81
N ALA A 40 0.02 -17.80 3.70
CA ALA A 40 -0.26 -16.36 3.63
C ALA A 40 0.99 -15.55 3.95
N ALA A 41 1.79 -16.01 4.90
CA ALA A 41 3.05 -15.32 5.20
C ALA A 41 4.03 -15.45 4.04
N ALA A 42 4.23 -16.67 3.54
CA ALA A 42 5.15 -16.84 2.42
C ALA A 42 4.69 -16.05 1.20
N GLY A 43 3.38 -16.00 0.95
CA GLY A 43 2.90 -15.28 -0.24
C GLY A 43 3.14 -13.78 -0.14
N PHE A 44 2.92 -13.21 1.03
CA PHE A 44 3.19 -11.79 1.21
C PHE A 44 4.69 -11.51 1.11
N ALA A 45 5.51 -12.33 1.78
CA ALA A 45 6.96 -12.11 1.71
C ALA A 45 7.47 -12.23 0.28
N ALA A 46 6.94 -13.18 -0.49
CA ALA A 46 7.41 -13.34 -1.86
C ALA A 46 7.03 -12.15 -2.73
N ARG A 47 5.85 -11.57 -2.50
CA ARG A 47 5.44 -10.38 -3.26
C ARG A 47 6.30 -9.18 -2.87
N LEU A 48 6.56 -9.00 -1.58
CA LEU A 48 7.46 -7.93 -1.13
C LEU A 48 8.85 -8.12 -1.73
N HIS A 49 9.35 -9.36 -1.71
CA HIS A 49 10.66 -9.67 -2.27
C HIS A 49 10.73 -9.29 -3.74
N GLU A 50 9.70 -9.65 -4.52
CA GLU A 50 9.70 -9.36 -5.94
C GLU A 50 9.75 -7.85 -6.19
N GLY A 51 8.93 -7.09 -5.46
CA GLY A 51 8.92 -5.66 -5.66
C GLY A 51 10.21 -4.99 -5.21
N LEU A 52 10.79 -5.45 -4.09
CA LEU A 52 11.99 -4.85 -3.57
C LEU A 52 13.20 -5.19 -4.44
N GLN A 53 13.25 -6.42 -4.95
CA GLN A 53 14.35 -6.77 -5.85
C GLN A 53 14.31 -5.92 -7.11
N ALA A 54 13.11 -5.74 -7.66
CA ALA A 54 12.94 -4.92 -8.85
C ALA A 54 13.39 -3.48 -8.59
N THR A 55 12.97 -2.90 -7.47
CA THR A 55 13.38 -1.54 -7.14
C THR A 55 14.90 -1.44 -7.05
N VAL A 56 15.56 -2.39 -6.40
CA VAL A 56 17.01 -2.31 -6.24
C VAL A 56 17.72 -2.49 -7.57
N LEU A 57 17.39 -3.57 -8.30
CA LEU A 57 18.13 -3.87 -9.53
C LEU A 57 17.91 -2.78 -10.59
N GLN A 58 16.70 -2.25 -10.68
CA GLN A 58 16.37 -1.26 -11.69
C GLN A 58 16.68 0.17 -11.26
N ARG A 59 17.12 0.38 -10.01
CA ARG A 59 17.41 1.73 -9.48
C ARG A 59 16.19 2.64 -9.56
N LEU A 60 15.07 2.17 -9.03
CA LEU A 60 13.84 2.95 -9.02
C LEU A 60 13.90 3.84 -7.78
N VAL A 61 14.55 4.98 -7.93
CA VAL A 61 14.93 5.84 -6.80
C VAL A 61 15.29 7.20 -7.37
N ASP A 62 15.18 8.24 -6.54
CA ASP A 62 15.69 9.58 -6.84
C ASP A 62 17.00 9.76 -6.07
N GLU A 63 18.13 9.70 -6.79
CA GLU A 63 19.43 9.79 -6.10
C GLU A 63 19.67 11.17 -5.47
N SER A 64 18.93 12.20 -5.88
CA SER A 64 19.05 13.54 -5.31
C SER A 64 18.25 13.71 -4.03
N ASN A 65 17.36 12.77 -3.70
CA ASN A 65 16.57 12.84 -2.47
C ASN A 65 17.42 12.24 -1.35
N HIS A 66 17.95 13.09 -0.48
CA HIS A 66 18.93 12.61 0.49
C HIS A 66 18.36 11.45 1.32
N GLU A 67 17.09 11.52 1.69
CA GLU A 67 16.49 10.48 2.52
C GLU A 67 16.18 9.23 1.72
N GLU A 68 15.49 9.38 0.58
CA GLU A 68 15.11 8.21 -0.20
C GLU A 68 16.34 7.47 -0.70
N TYR A 69 17.39 8.20 -1.10
CA TYR A 69 18.57 7.54 -1.65
C TYR A 69 19.30 6.74 -0.58
N ARG A 70 19.46 7.31 0.62
CA ARG A 70 20.09 6.56 1.69
C ARG A 70 19.28 5.31 2.03
N GLU A 71 17.96 5.44 2.07
CA GLU A 71 17.13 4.30 2.44
C GLU A 71 17.12 3.25 1.33
N PHE A 72 17.16 3.69 0.08
CA PHE A 72 17.39 2.79 -1.04
C PHE A 72 18.70 2.02 -0.88
N LYS A 73 19.78 2.74 -0.54
CA LYS A 73 21.08 2.11 -0.43
C LYS A 73 21.11 1.05 0.68
N ALA A 74 20.31 1.21 1.74
CA ALA A 74 20.25 0.17 2.76
C ALA A 74 19.61 -1.09 2.22
N TRP A 75 18.55 -0.95 1.41
CA TRP A 75 17.98 -2.12 0.73
C TRP A 75 18.97 -2.72 -0.26
N GLU A 76 19.67 -1.86 -0.99
CA GLU A 76 20.65 -2.36 -1.95
C GLU A 76 21.78 -3.10 -1.24
N GLU A 77 22.26 -2.55 -0.12
CA GLU A 77 23.28 -3.23 0.67
C GLU A 77 22.78 -4.59 1.12
N ALA A 78 21.53 -4.68 1.58
CA ALA A 78 21.00 -5.96 2.01
C ALA A 78 20.98 -6.96 0.85
N LEU A 79 20.58 -6.48 -0.35
CA LEU A 79 20.57 -7.37 -1.51
C LEU A 79 21.96 -7.86 -1.84
N LEU A 80 22.97 -6.97 -1.79
CA LEU A 80 24.35 -7.36 -2.10
C LEU A 80 24.92 -8.32 -1.07
N ASN A 81 24.39 -8.30 0.15
CA ASN A 81 24.78 -9.23 1.21
C ASN A 81 24.00 -10.54 1.13
N ALA A 82 23.09 -10.63 0.18
CA ALA A 82 22.35 -11.86 -0.11
C ALA A 82 22.78 -12.51 -1.41
N ASP A 83 23.09 -11.73 -2.45
CA ASP A 83 23.34 -12.23 -3.80
C ASP A 83 24.80 -12.55 -4.08
N GLY A 84 25.69 -12.41 -3.11
CA GLY A 84 27.08 -12.77 -3.28
C GLY A 84 28.01 -11.66 -3.71
N ARG A 85 27.49 -10.51 -4.17
CA ARG A 85 28.39 -9.44 -4.59
C ARG A 85 29.17 -8.88 -3.39
N VAL A 86 28.54 -8.82 -2.22
CA VAL A 86 29.24 -8.51 -0.99
C VAL A 86 29.29 -9.70 -0.05
N ALA A 87 28.17 -10.40 0.10
CA ALA A 87 28.11 -11.61 0.91
C ALA A 87 26.97 -12.48 0.40
N SER A 88 26.95 -13.73 0.87
CA SER A 88 25.86 -14.65 0.56
C SER A 88 25.18 -15.11 1.84
N SER A 89 24.56 -14.19 2.57
CA SER A 89 23.91 -14.51 3.85
C SER A 89 22.54 -13.87 3.91
N PRO A 90 21.60 -14.35 3.10
CA PRO A 90 20.29 -13.69 3.01
C PRO A 90 19.49 -13.68 4.30
N PHE A 91 19.79 -14.58 5.24
CA PHE A 91 18.99 -14.74 6.45
C PHE A 91 19.68 -14.18 7.68
N ALA A 92 20.80 -13.47 7.51
CA ALA A 92 21.51 -12.90 8.63
C ALA A 92 20.67 -11.81 9.28
N ASP A 93 20.94 -11.54 10.57
CA ASP A 93 20.25 -10.44 11.25
C ASP A 93 20.39 -9.16 10.45
N TRP A 94 19.27 -8.45 10.29
CA TRP A 94 19.19 -7.18 9.58
C TRP A 94 19.54 -7.29 8.10
N GLY A 95 19.58 -8.50 7.56
CA GLY A 95 19.75 -8.73 6.13
C GLY A 95 18.43 -8.69 5.38
N TRP A 96 18.46 -9.23 4.16
CA TRP A 96 17.35 -9.10 3.23
C TRP A 96 16.04 -9.61 3.82
N TRP A 97 15.99 -10.90 4.20
CA TRP A 97 14.73 -11.45 4.68
C TRP A 97 14.34 -10.87 6.04
N TYR A 98 15.32 -10.54 6.89
CA TYR A 98 15.03 -9.92 8.18
C TYR A 98 14.28 -8.61 7.98
N ARG A 99 14.73 -7.82 6.99
CA ARG A 99 14.08 -6.56 6.68
C ARG A 99 12.67 -6.78 6.10
N ILE A 100 12.49 -7.84 5.31
CA ILE A 100 11.16 -8.16 4.81
C ILE A 100 10.25 -8.57 5.97
N ALA A 101 10.75 -9.37 6.91
CA ALA A 101 9.95 -9.68 8.09
C ALA A 101 9.58 -8.41 8.84
N ASN A 102 10.49 -7.44 8.89
CA ASN A 102 10.17 -6.17 9.55
C ASN A 102 9.07 -5.40 8.81
N VAL A 103 9.10 -5.41 7.47
CA VAL A 103 8.01 -4.79 6.71
C VAL A 103 6.67 -5.47 7.03
N MET A 104 6.68 -6.79 7.25
CA MET A 104 5.44 -7.49 7.55
C MET A 104 4.91 -7.13 8.94
N LEU A 105 5.81 -6.98 9.92
CA LEU A 105 5.43 -6.43 11.22
C LEU A 105 4.88 -5.02 11.09
N ALA A 106 5.55 -4.18 10.28
CA ALA A 106 5.08 -2.81 10.07
C ALA A 106 3.68 -2.80 9.47
N THR A 107 3.43 -3.69 8.51
CA THR A 107 2.13 -3.76 7.85
C THR A 107 1.03 -4.02 8.86
N ALA A 108 1.26 -4.92 9.81
CA ALA A 108 0.23 -5.17 10.82
C ALA A 108 0.06 -3.96 11.74
N SER A 109 1.17 -3.34 12.14
CA SER A 109 1.10 -2.18 13.01
C SER A 109 0.30 -1.06 12.37
N GLN A 110 0.58 -0.76 11.11
CA GLN A 110 0.01 0.42 10.49
C GLN A 110 -1.38 0.18 9.91
N ASN A 111 -1.81 -1.08 9.80
CA ASN A 111 -3.16 -1.34 9.31
C ASN A 111 -4.15 -1.69 10.41
N VAL A 112 -3.75 -2.49 11.41
CA VAL A 112 -4.74 -2.92 12.40
C VAL A 112 -4.24 -2.63 13.82
N GLY A 113 -3.12 -1.95 13.94
CA GLY A 113 -2.66 -1.51 15.25
C GLY A 113 -2.15 -2.62 16.16
N VAL A 114 -1.71 -3.74 15.60
CA VAL A 114 -1.16 -4.81 16.42
C VAL A 114 0.35 -4.80 16.29
N THR A 115 1.03 -5.04 17.41
CA THR A 115 2.48 -4.95 17.50
C THR A 115 3.03 -6.33 17.84
N TRP A 116 3.52 -7.02 16.82
CA TRP A 116 4.10 -8.34 17.03
C TRP A 116 5.56 -8.24 17.42
N GLY A 117 6.08 -9.30 18.03
CA GLY A 117 7.43 -9.31 18.56
C GLY A 117 8.23 -10.51 18.07
N SER A 118 9.10 -11.02 18.96
CA SER A 118 10.08 -12.03 18.56
C SER A 118 9.43 -13.34 18.11
N ARG A 119 8.34 -13.74 18.76
CA ARG A 119 7.78 -15.06 18.41
C ARG A 119 7.26 -15.06 16.98
N VAL A 120 6.56 -14.00 16.58
CA VAL A 120 6.09 -13.88 15.19
C VAL A 120 7.27 -13.69 14.24
N HIS A 121 8.20 -12.78 14.59
CA HIS A 121 9.31 -12.47 13.69
C HIS A 121 10.20 -13.68 13.48
N GLY A 122 10.51 -14.41 14.56
CA GLY A 122 11.31 -15.63 14.41
C GLY A 122 10.60 -16.70 13.60
N ARG A 123 9.28 -16.81 13.76
CA ARG A 123 8.54 -17.78 12.98
C ARG A 123 8.54 -17.39 11.50
N LEU A 124 8.40 -16.08 11.20
CA LEU A 124 8.52 -15.65 9.81
C LEU A 124 9.87 -16.02 9.23
N MET A 125 10.95 -15.77 9.98
CA MET A 125 12.28 -16.09 9.48
C MET A 125 12.44 -17.59 9.24
N ALA A 126 11.82 -18.43 10.08
CA ALA A 126 11.90 -19.86 9.88
C ALA A 126 11.13 -20.29 8.64
N ILE A 127 9.96 -19.70 8.42
CA ILE A 127 9.21 -19.94 7.18
C ILE A 127 10.07 -19.55 5.98
N PHE A 128 10.73 -18.39 6.03
CA PHE A 128 11.50 -17.93 4.89
C PHE A 128 12.68 -18.87 4.63
N GLN A 129 13.32 -19.35 5.69
CA GLN A 129 14.39 -20.34 5.55
C GLN A 129 13.89 -21.61 4.89
N ASP A 130 12.67 -22.02 5.21
CA ASP A 130 12.10 -23.23 4.62
C ASP A 130 11.75 -23.04 3.15
N LYS A 131 11.13 -21.90 2.81
CA LYS A 131 10.53 -21.69 1.50
C LYS A 131 11.47 -21.06 0.47
N PHE A 132 12.42 -20.23 0.90
CA PHE A 132 13.08 -19.32 -0.03
C PHE A 132 14.60 -19.53 -0.11
N LYS A 133 15.13 -20.66 0.36
CA LYS A 133 16.57 -20.89 0.29
C LYS A 133 17.10 -20.76 -1.14
N GLN A 134 16.27 -21.03 -2.15
CA GLN A 134 16.71 -20.97 -3.54
C GLN A 134 16.46 -19.61 -4.21
N ARG A 135 15.96 -18.62 -3.47
CA ARG A 135 15.77 -17.30 -4.07
C ARG A 135 17.09 -16.58 -4.27
N TYR A 136 18.15 -17.04 -3.61
CA TYR A 136 19.51 -16.60 -3.85
C TYR A 136 20.39 -17.83 -4.03
N GLU A 137 21.54 -17.63 -4.68
CA GLU A 137 22.46 -18.74 -4.90
C GLU A 137 23.30 -19.02 -3.67
N SER B 1 9.53 14.82 -9.63
CA SER B 1 9.88 13.42 -9.92
C SER B 1 8.61 12.57 -9.97
N MET B 2 8.70 11.42 -10.64
CA MET B 2 7.55 10.53 -10.73
C MET B 2 7.39 9.77 -9.41
N SER B 3 6.37 10.11 -8.65
CA SER B 3 6.17 9.45 -7.38
C SER B 3 4.71 9.57 -6.98
N ASN B 4 4.25 8.60 -6.19
CA ASN B 4 2.89 8.59 -5.69
C ASN B 4 2.89 8.48 -4.17
N THR B 5 3.80 9.21 -3.52
CA THR B 5 4.04 8.95 -2.10
C THR B 5 2.84 9.30 -1.23
N ILE B 6 2.09 10.36 -1.58
CA ILE B 6 0.93 10.76 -0.78
C ILE B 6 -0.10 9.63 -0.74
N SER B 7 -0.43 9.07 -1.90
CA SER B 7 -1.41 7.99 -1.93
C SER B 7 -0.83 6.67 -1.42
N ASP B 8 0.44 6.35 -1.77
CA ASP B 8 1.09 5.13 -1.28
C ASP B 8 1.02 5.05 0.24
N ARG B 9 1.29 6.18 0.90
CA ARG B 9 1.32 6.19 2.36
C ARG B 9 -0.03 5.74 2.93
N ILE B 10 -1.12 6.21 2.33
CA ILE B 10 -2.45 5.89 2.84
C ILE B 10 -2.87 4.50 2.39
N VAL B 11 -2.57 4.12 1.15
CA VAL B 11 -2.94 2.79 0.65
C VAL B 11 -2.24 1.70 1.45
N ALA B 12 -0.97 1.93 1.82
CA ALA B 12 -0.23 0.98 2.64
C ALA B 12 -0.81 0.86 4.05
N ARG B 13 -1.72 1.76 4.44
CA ARG B 13 -2.43 1.73 5.71
C ARG B 13 -3.89 1.36 5.52
N SER B 14 -4.25 0.94 4.31
CA SER B 14 -5.62 0.64 3.92
C SER B 14 -5.67 -0.68 3.16
N VAL B 15 -4.77 -1.62 3.46
CA VAL B 15 -4.64 -2.78 2.59
C VAL B 15 -5.89 -3.67 2.65
N ILE B 16 -6.56 -3.74 3.80
CA ILE B 16 -7.74 -4.60 3.88
C ILE B 16 -8.86 -4.04 3.04
N GLU B 17 -9.09 -2.72 3.13
CA GLU B 17 -10.12 -2.07 2.33
C GLU B 17 -9.76 -2.09 0.86
N ALA B 18 -8.48 -1.88 0.55
CA ALA B 18 -8.05 -1.88 -0.85
C ALA B 18 -8.21 -3.25 -1.49
N ALA B 19 -7.79 -4.31 -0.78
CA ALA B 19 -7.92 -5.66 -1.33
C ALA B 19 -9.37 -6.06 -1.50
N ARG B 20 -10.22 -5.69 -0.54
CA ARG B 20 -11.64 -6.00 -0.66
C ARG B 20 -12.22 -5.37 -1.92
N PHE B 21 -11.87 -4.12 -2.20
CA PHE B 21 -12.38 -3.44 -3.39
C PHE B 21 -11.89 -4.13 -4.67
N ILE B 22 -10.58 -4.34 -4.78
CA ILE B 22 -10.02 -4.96 -5.98
C ILE B 22 -10.67 -6.32 -6.22
N GLN B 23 -10.70 -7.16 -5.19
CA GLN B 23 -11.19 -8.52 -5.40
C GLN B 23 -12.70 -8.54 -5.65
N SER B 24 -13.45 -7.62 -5.03
CA SER B 24 -14.88 -7.53 -5.28
C SER B 24 -15.18 -7.11 -6.71
N TRP B 25 -14.39 -6.21 -7.28
CA TRP B 25 -14.69 -5.64 -8.59
C TRP B 25 -14.01 -6.35 -9.75
N GLU B 26 -13.26 -7.42 -9.52
CA GLU B 26 -12.55 -8.06 -10.62
C GLU B 26 -13.50 -8.69 -11.64
N ASP B 27 -14.70 -9.08 -11.22
CA ASP B 27 -15.73 -9.51 -12.16
C ASP B 27 -16.92 -8.57 -12.20
N ALA B 28 -16.74 -7.34 -11.73
CA ALA B 28 -17.87 -6.43 -11.57
C ALA B 28 -18.34 -5.90 -12.91
N ASP B 29 -19.66 -5.81 -13.05
CA ASP B 29 -20.28 -5.10 -14.16
C ASP B 29 -20.75 -3.75 -13.64
N PRO B 30 -20.09 -2.65 -14.00
CA PRO B 30 -20.49 -1.35 -13.44
C PRO B 30 -21.93 -0.99 -13.73
N ASP B 31 -22.54 -1.66 -14.71
CA ASP B 31 -23.94 -1.44 -15.05
C ASP B 31 -24.90 -2.21 -14.15
N SER B 32 -24.40 -3.19 -13.41
CA SER B 32 -25.25 -3.99 -12.56
C SER B 32 -24.37 -4.47 -11.41
N LEU B 33 -24.18 -3.58 -10.44
CA LEU B 33 -23.34 -3.87 -9.27
C LEU B 33 -24.15 -4.58 -8.20
N THR B 34 -23.54 -5.57 -7.57
CA THR B 34 -24.11 -6.12 -6.35
C THR B 34 -23.95 -5.13 -5.21
N GLU B 35 -24.75 -5.34 -4.15
CA GLU B 35 -24.62 -4.50 -2.97
C GLU B 35 -23.22 -4.61 -2.36
N ASP B 36 -22.67 -5.83 -2.32
CA ASP B 36 -21.34 -5.99 -1.74
C ASP B 36 -20.30 -5.20 -2.52
N GLN B 37 -20.44 -5.17 -3.85
CA GLN B 37 -19.51 -4.38 -4.66
C GLN B 37 -19.63 -2.90 -4.35
N VAL B 38 -20.85 -2.41 -4.10
CA VAL B 38 -21.05 -1.01 -3.73
C VAL B 38 -20.38 -0.72 -2.39
N LEU B 39 -20.62 -1.59 -1.40
CA LEU B 39 -20.05 -1.40 -0.08
C LEU B 39 -18.52 -1.49 -0.10
N ALA B 40 -17.97 -2.39 -0.92
CA ALA B 40 -16.52 -2.53 -1.04
C ALA B 40 -15.90 -1.25 -1.61
N ALA B 41 -16.53 -0.66 -2.62
CA ALA B 41 -16.01 0.60 -3.17
C ALA B 41 -16.15 1.73 -2.17
N ALA B 42 -17.32 1.84 -1.52
CA ALA B 42 -17.51 2.93 -0.57
C ALA B 42 -16.57 2.81 0.61
N GLY B 43 -16.28 1.58 1.04
CA GLY B 43 -15.42 1.39 2.20
C GLY B 43 -13.99 1.82 1.94
N PHE B 44 -13.47 1.51 0.76
CA PHE B 44 -12.12 1.94 0.38
C PHE B 44 -12.06 3.46 0.23
N ALA B 45 -13.08 4.05 -0.42
CA ALA B 45 -13.10 5.51 -0.60
C ALA B 45 -13.15 6.24 0.74
N ALA B 46 -13.96 5.75 1.68
CA ALA B 46 -14.05 6.40 2.99
C ALA B 46 -12.74 6.31 3.76
N ARG B 47 -12.04 5.19 3.63
CA ARG B 47 -10.74 5.04 4.27
C ARG B 47 -9.72 6.00 3.64
N LEU B 48 -9.71 6.07 2.30
CA LEU B 48 -8.83 7.02 1.63
C LEU B 48 -9.15 8.45 2.03
N HIS B 49 -10.43 8.79 2.15
CA HIS B 49 -10.81 10.14 2.57
C HIS B 49 -10.21 10.48 3.92
N GLU B 50 -10.35 9.57 4.89
CA GLU B 50 -9.86 9.84 6.23
C GLU B 50 -8.36 10.12 6.22
N GLY B 51 -7.60 9.29 5.51
CA GLY B 51 -6.16 9.50 5.44
C GLY B 51 -5.77 10.74 4.69
N LEU B 52 -6.49 11.07 3.61
CA LEU B 52 -6.16 12.26 2.82
C LEU B 52 -6.51 13.53 3.56
N GLN B 53 -7.61 13.53 4.31
CA GLN B 53 -7.94 14.72 5.10
C GLN B 53 -6.89 14.97 6.16
N ALA B 54 -6.42 13.90 6.82
CA ALA B 54 -5.32 14.02 7.77
C ALA B 54 -4.07 14.55 7.10
N THR B 55 -3.76 14.06 5.90
CA THR B 55 -2.59 14.54 5.16
C THR B 55 -2.67 16.05 4.93
N VAL B 56 -3.82 16.52 4.49
CA VAL B 56 -3.99 17.95 4.21
C VAL B 56 -3.90 18.77 5.50
N LEU B 57 -4.67 18.39 6.52
CA LEU B 57 -4.71 19.21 7.74
C LEU B 57 -3.38 19.22 8.46
N GLN B 58 -2.65 18.11 8.46
CA GLN B 58 -1.35 18.05 9.12
C GLN B 58 -0.21 18.44 8.19
N ARG B 59 -0.50 18.71 6.92
CA ARG B 59 0.50 19.04 5.91
C ARG B 59 1.56 17.94 5.83
N LEU B 60 1.10 16.70 5.66
CA LEU B 60 2.01 15.56 5.59
C LEU B 60 2.56 15.48 4.18
N VAL B 61 3.54 16.34 3.91
CA VAL B 61 4.19 16.45 2.61
C VAL B 61 5.52 17.14 2.84
N ASP B 62 6.52 16.79 2.04
CA ASP B 62 7.75 17.57 1.98
C ASP B 62 7.47 18.73 1.02
N GLU B 63 7.25 19.93 1.57
CA GLU B 63 6.83 21.02 0.70
C GLU B 63 7.96 21.55 -0.17
N SER B 64 9.22 21.18 0.11
CA SER B 64 10.33 21.51 -0.76
C SER B 64 10.44 20.55 -1.95
N ASN B 65 9.67 19.46 -1.95
CA ASN B 65 9.64 18.53 -3.06
C ASN B 65 8.65 19.09 -4.08
N HIS B 66 9.16 19.56 -5.22
CA HIS B 66 8.34 20.33 -6.17
C HIS B 66 7.10 19.55 -6.60
N GLU B 67 7.24 18.25 -6.87
CA GLU B 67 6.12 17.48 -7.41
C GLU B 67 5.19 17.02 -6.29
N GLU B 68 5.74 16.56 -5.18
CA GLU B 68 4.92 16.15 -4.05
C GLU B 68 4.13 17.33 -3.51
N TYR B 69 4.73 18.52 -3.53
CA TYR B 69 4.02 19.71 -3.07
C TYR B 69 2.96 20.16 -4.07
N ARG B 70 3.26 20.07 -5.38
CA ARG B 70 2.21 20.32 -6.37
C ARG B 70 1.01 19.42 -6.13
N GLU B 71 1.27 18.12 -5.91
CA GLU B 71 0.15 17.21 -5.68
C GLU B 71 -0.58 17.56 -4.40
N PHE B 72 0.17 17.84 -3.33
CA PHE B 72 -0.44 18.23 -2.07
C PHE B 72 -1.36 19.44 -2.25
N LYS B 73 -0.87 20.48 -2.93
CA LYS B 73 -1.69 21.67 -3.13
C LYS B 73 -2.97 21.37 -3.90
N ALA B 74 -2.93 20.38 -4.80
CA ALA B 74 -4.13 20.01 -5.53
C ALA B 74 -5.13 19.31 -4.62
N TRP B 75 -4.64 18.46 -3.71
CA TRP B 75 -5.52 17.86 -2.70
C TRP B 75 -6.10 18.94 -1.79
N GLU B 76 -5.25 19.86 -1.36
CA GLU B 76 -5.68 20.94 -0.46
C GLU B 76 -6.74 21.79 -1.11
N GLU B 77 -6.55 22.15 -2.39
CA GLU B 77 -7.55 22.94 -3.11
C GLU B 77 -8.85 22.16 -3.27
N ALA B 78 -8.75 20.87 -3.57
CA ALA B 78 -9.96 20.07 -3.73
C ALA B 78 -10.72 19.98 -2.41
N LEU B 79 -10.00 19.88 -1.29
CA LEU B 79 -10.68 19.81 0.01
C LEU B 79 -11.36 21.13 0.33
N LEU B 80 -10.70 22.25 -0.01
CA LEU B 80 -11.31 23.56 0.20
C LEU B 80 -12.56 23.74 -0.65
N ASN B 81 -12.54 23.21 -1.88
CA ASN B 81 -13.70 23.33 -2.76
C ASN B 81 -14.83 22.38 -2.39
N ALA B 82 -14.60 21.46 -1.45
CA ALA B 82 -15.65 20.52 -1.09
C ALA B 82 -16.48 20.97 0.11
N ASP B 83 -15.93 21.76 1.02
CA ASP B 83 -16.63 22.04 2.28
C ASP B 83 -18.01 22.69 2.11
N VAL B 86 -24.05 25.88 -0.80
CA VAL B 86 -23.01 26.85 -1.15
C VAL B 86 -22.43 26.45 -2.50
N ALA B 87 -21.37 27.15 -2.94
CA ALA B 87 -20.72 26.84 -4.21
C ALA B 87 -19.73 25.68 -4.09
N SER B 88 -19.73 24.95 -2.98
CA SER B 88 -18.88 23.77 -2.88
C SER B 88 -19.32 22.74 -3.90
N SER B 89 -18.35 22.02 -4.46
CA SER B 89 -18.62 21.06 -5.52
C SER B 89 -17.81 19.78 -5.28
N PRO B 90 -18.10 19.08 -4.18
CA PRO B 90 -17.24 17.94 -3.79
C PRO B 90 -17.21 16.81 -4.80
N PHE B 91 -18.21 16.71 -5.68
CA PHE B 91 -18.28 15.64 -6.66
C PHE B 91 -18.04 16.13 -8.08
N ALA B 92 -17.49 17.34 -8.23
CA ALA B 92 -17.17 17.88 -9.54
C ALA B 92 -15.98 17.15 -10.15
N ASP B 93 -15.88 17.26 -11.48
CA ASP B 93 -14.72 16.72 -12.18
C ASP B 93 -13.45 17.28 -11.57
N TRP B 94 -12.49 16.40 -11.32
CA TRP B 94 -11.18 16.71 -10.73
C TRP B 94 -11.28 17.31 -9.33
N GLY B 95 -12.44 17.16 -8.67
CA GLY B 95 -12.58 17.52 -7.28
C GLY B 95 -12.14 16.41 -6.36
N TRP B 96 -12.51 16.55 -5.07
CA TRP B 96 -12.00 15.69 -4.02
C TRP B 96 -12.29 14.21 -4.29
N TRP B 97 -13.58 13.86 -4.47
CA TRP B 97 -13.94 12.46 -4.63
C TRP B 97 -13.52 11.92 -5.99
N TYR B 98 -13.49 12.77 -7.02
CA TYR B 98 -12.96 12.41 -8.32
C TYR B 98 -11.50 11.97 -8.21
N ARG B 99 -10.71 12.72 -7.46
CA ARG B 99 -9.31 12.34 -7.23
C ARG B 99 -9.20 11.04 -6.44
N ILE B 100 -10.11 10.82 -5.49
CA ILE B 100 -10.09 9.57 -4.74
C ILE B 100 -10.41 8.40 -5.67
N ALA B 101 -11.37 8.58 -6.58
CA ALA B 101 -11.64 7.54 -7.56
C ALA B 101 -10.41 7.26 -8.41
N ASN B 102 -9.66 8.31 -8.78
CA ASN B 102 -8.40 8.12 -9.50
C ASN B 102 -7.44 7.25 -8.70
N VAL B 103 -7.30 7.52 -7.39
CA VAL B 103 -6.42 6.71 -6.54
C VAL B 103 -6.88 5.26 -6.54
N MET B 104 -8.19 5.04 -6.53
CA MET B 104 -8.71 3.67 -6.47
C MET B 104 -8.40 2.91 -7.76
N LEU B 105 -8.51 3.57 -8.91
CA LEU B 105 -8.15 2.93 -10.16
C LEU B 105 -6.64 2.71 -10.26
N ALA B 106 -5.86 3.68 -9.80
CA ALA B 106 -4.41 3.50 -9.79
C ALA B 106 -4.02 2.31 -8.94
N THR B 107 -4.66 2.16 -7.78
CA THR B 107 -4.36 1.06 -6.88
C THR B 107 -4.69 -0.28 -7.53
N ALA B 108 -5.85 -0.37 -8.18
CA ALA B 108 -6.19 -1.60 -8.89
C ALA B 108 -5.16 -1.89 -9.98
N SER B 109 -4.79 -0.87 -10.76
CA SER B 109 -3.83 -1.08 -11.85
C SER B 109 -2.48 -1.57 -11.34
N GLN B 110 -1.95 -0.92 -10.29
CA GLN B 110 -0.62 -1.26 -9.82
C GLN B 110 -0.57 -2.58 -9.07
N ASN B 111 -1.71 -3.14 -8.68
CA ASN B 111 -1.73 -4.42 -7.99
C ASN B 111 -2.03 -5.60 -8.92
N VAL B 112 -3.05 -5.50 -9.77
CA VAL B 112 -3.46 -6.64 -10.59
C VAL B 112 -3.53 -6.32 -12.07
N GLY B 113 -3.27 -5.08 -12.49
CA GLY B 113 -3.21 -4.76 -13.91
C GLY B 113 -4.53 -4.57 -14.63
N VAL B 114 -5.51 -3.94 -13.98
CA VAL B 114 -6.85 -3.77 -14.58
C VAL B 114 -6.81 -2.96 -15.88
N THR B 115 -7.88 -3.12 -16.68
CA THR B 115 -8.10 -2.35 -17.89
C THR B 115 -9.23 -1.33 -17.71
N TRP B 116 -9.61 -1.05 -16.46
CA TRP B 116 -10.73 -0.17 -16.15
C TRP B 116 -10.52 1.22 -16.72
N GLY B 117 -11.62 1.95 -16.90
CA GLY B 117 -11.58 3.28 -17.45
C GLY B 117 -12.73 4.16 -17.02
N SER B 118 -13.23 4.98 -17.96
CA SER B 118 -14.23 5.99 -17.63
C SER B 118 -15.52 5.38 -17.11
N ARG B 119 -15.88 4.19 -17.61
CA ARG B 119 -17.12 3.58 -17.16
C ARG B 119 -17.06 3.26 -15.68
N VAL B 120 -15.99 2.60 -15.24
CA VAL B 120 -15.81 2.30 -13.83
C VAL B 120 -15.73 3.57 -13.00
N HIS B 121 -14.91 4.53 -13.46
CA HIS B 121 -14.73 5.78 -12.73
C HIS B 121 -16.07 6.49 -12.52
N GLY B 122 -16.88 6.58 -13.57
CA GLY B 122 -18.19 7.21 -13.42
C GLY B 122 -19.11 6.48 -12.47
N ARG B 123 -19.02 5.15 -12.44
CA ARG B 123 -19.84 4.39 -11.50
C ARG B 123 -19.39 4.65 -10.06
N LEU B 124 -18.08 4.72 -9.82
CA LEU B 124 -17.60 5.10 -8.49
C LEU B 124 -18.12 6.47 -8.08
N MET B 125 -18.10 7.44 -9.00
CA MET B 125 -18.55 8.78 -8.63
C MET B 125 -20.02 8.78 -8.25
N ALA B 126 -20.84 7.99 -8.94
CA ALA B 126 -22.25 7.89 -8.55
C ALA B 126 -22.41 7.30 -7.15
N ILE B 127 -21.60 6.27 -6.83
CA ILE B 127 -21.64 5.71 -5.48
C ILE B 127 -21.25 6.76 -4.45
N PHE B 128 -20.18 7.52 -4.72
CA PHE B 128 -19.68 8.46 -3.72
C PHE B 128 -20.69 9.57 -3.45
N GLN B 129 -21.35 10.06 -4.50
CA GLN B 129 -22.36 11.10 -4.29
C GLN B 129 -23.51 10.59 -3.43
N ASP B 130 -23.93 9.35 -3.67
CA ASP B 130 -25.03 8.78 -2.91
C ASP B 130 -24.63 8.54 -1.45
N LYS B 131 -23.43 8.01 -1.22
CA LYS B 131 -23.05 7.61 0.14
C LYS B 131 -22.58 8.79 0.99
N PHE B 132 -21.99 9.83 0.40
CA PHE B 132 -21.26 10.83 1.18
C PHE B 132 -21.85 12.23 1.12
N LYS B 133 -22.93 12.45 0.37
CA LYS B 133 -23.42 13.82 0.17
C LYS B 133 -23.82 14.51 1.46
N GLN B 134 -24.28 13.77 2.48
CA GLN B 134 -24.77 14.44 3.68
C GLN B 134 -23.65 15.11 4.48
N ARG B 135 -22.39 14.76 4.21
CA ARG B 135 -21.28 15.46 4.86
C ARG B 135 -21.22 16.93 4.46
N TYR B 136 -21.90 17.31 3.38
CA TYR B 136 -21.85 18.66 2.86
C TYR B 136 -23.23 19.32 2.91
N GLU B 137 -24.03 18.94 3.90
CA GLU B 137 -25.33 19.56 4.14
C GLU B 137 -25.56 19.79 5.64
#